data_8YE8
#
_entry.id   8YE8
#
_cell.length_a   57.695
_cell.length_b   65.286
_cell.length_c   78.67
_cell.angle_alpha   90.0
_cell.angle_beta   90.0
_cell.angle_gamma   90.0
#
_symmetry.space_group_name_H-M   'P 21 21 21'
#
loop_
_entity.id
_entity.type
_entity.pdbx_description
1 polymer 'BAH and coiled-coil domain-containing protein 1'
2 polymer 'Histone H4'
3 water water
#
loop_
_entity_poly.entity_id
_entity_poly.type
_entity_poly.pdbx_seq_one_letter_code
_entity_poly.pdbx_strand_id
1 'polypeptide(L)'
;SARSCTIHKEDLQDGLPVLIPKEDSLLYAGSVRTLQPPDIYSIVIEGERGNRQRIYSLEQLLQEAVLDVQPQSSRYLPPG
TRVCAYWSQKSRCLYPGNVVRGASSDEEDLDSVLVEFDDGDTGHIAVSNIRLLPPDFKIQC
;
A,B
2 'polypeptide(L)' GAKRHR(MLZ)VLRDN C
#
# COMPACT_ATOMS: atom_id res chain seq x y z
N SER A 4 -18.97 10.27 6.22
CA SER A 4 -18.85 10.75 4.84
C SER A 4 -17.67 10.06 4.14
N CYS A 5 -17.76 8.74 3.99
CA CYS A 5 -16.72 7.92 3.35
C CYS A 5 -15.37 7.94 4.07
N THR A 6 -15.26 8.76 5.10
CA THR A 6 -14.07 8.78 5.93
C THR A 6 -14.07 7.54 6.81
N ILE A 7 -12.91 6.90 6.92
CA ILE A 7 -12.84 5.61 7.59
C ILE A 7 -12.61 5.74 9.08
N HIS A 8 -13.34 4.94 9.83
CA HIS A 8 -13.19 4.83 11.28
C HIS A 8 -12.56 3.49 11.64
N LYS A 9 -11.79 3.47 12.73
CA LYS A 9 -11.06 2.28 13.15
C LYS A 9 -11.96 1.05 13.31
N GLU A 10 -13.11 1.27 13.94
CA GLU A 10 -14.06 0.20 14.21
C GLU A 10 -14.52 -0.52 12.94
N ASP A 11 -14.45 0.15 11.81
CA ASP A 11 -14.98 -0.43 10.57
C ASP A 11 -13.93 -1.18 9.76
N LEU A 12 -12.68 -1.12 10.22
CA LEU A 12 -11.61 -1.81 9.48
C LEU A 12 -11.64 -3.30 9.73
N GLN A 13 -12.48 -3.98 8.94
CA GLN A 13 -12.63 -5.41 9.06
C GLN A 13 -12.39 -6.07 7.73
N ASP A 14 -12.16 -7.37 7.79
CA ASP A 14 -11.84 -8.16 6.63
C ASP A 14 -12.88 -8.00 5.51
N GLY A 15 -12.41 -7.64 4.32
CA GLY A 15 -13.29 -7.47 3.17
C GLY A 15 -13.86 -6.06 2.99
N LEU A 16 -13.58 -5.15 3.91
CA LEU A 16 -14.07 -3.76 3.74
C LEU A 16 -13.55 -3.19 2.41
N PRO A 17 -14.47 -2.68 1.58
CA PRO A 17 -14.07 -2.04 0.32
C PRO A 17 -13.62 -0.58 0.51
N VAL A 18 -12.41 -0.27 0.03
CA VAL A 18 -11.82 1.05 0.17
C VAL A 18 -11.24 1.53 -1.14
N LEU A 19 -10.95 2.83 -1.17
CA LEU A 19 -10.17 3.44 -2.20
C LEU A 19 -8.89 3.94 -1.55
N ILE A 20 -7.75 3.70 -2.17
CA ILE A 20 -6.47 4.13 -1.60
C ILE A 20 -5.65 4.87 -2.65
N PRO A 21 -4.98 5.96 -2.23
CA PRO A 21 -4.11 6.69 -3.15
C PRO A 21 -2.80 5.96 -3.37
N LYS A 22 -2.33 5.92 -4.61
CA LYS A 22 -0.97 5.46 -4.90
C LYS A 22 -0.07 6.67 -5.05
N GLU A 23 1.21 6.45 -5.33
CA GLU A 23 2.15 7.55 -5.46
C GLU A 23 2.00 8.33 -6.77
N ASP A 24 0.81 8.28 -7.36
CA ASP A 24 0.54 9.03 -8.60
C ASP A 24 -0.59 10.03 -8.41
N SER A 25 -0.99 10.24 -7.16
CA SER A 25 -2.11 11.11 -6.79
C SER A 25 -3.45 10.64 -7.36
N LEU A 26 -3.53 9.36 -7.72
CA LEU A 26 -4.79 8.78 -8.18
C LEU A 26 -5.28 7.76 -7.17
N LEU A 27 -6.56 7.42 -7.23
CA LEU A 27 -7.11 6.43 -6.33
C LEU A 27 -7.33 5.08 -7.00
N TYR A 28 -7.17 4.03 -6.19
CA TYR A 28 -7.38 2.65 -6.62
C TYR A 28 -8.29 1.92 -5.67
N ALA A 29 -9.20 1.12 -6.22
CA ALA A 29 -10.10 0.35 -5.36
C ALA A 29 -9.30 -0.77 -4.71
N GLY A 30 -9.60 -1.01 -3.44
CA GLY A 30 -8.94 -2.06 -2.68
C GLY A 30 -9.86 -2.74 -1.69
N SER A 31 -9.33 -3.76 -1.02
CA SER A 31 -10.07 -4.44 0.05
C SER A 31 -9.16 -4.60 1.26
N VAL A 32 -9.73 -4.42 2.46
CA VAL A 32 -8.95 -4.53 3.69
C VAL A 32 -8.78 -6.01 4.04
N ARG A 33 -7.54 -6.43 4.27
CA ARG A 33 -7.34 -7.76 4.86
C ARG A 33 -6.71 -7.56 6.22
N THR A 34 -7.39 -7.99 7.28
CA THR A 34 -6.84 -7.91 8.62
C THR A 34 -5.75 -8.95 8.76
N LEU A 35 -4.77 -8.66 9.60
CA LEU A 35 -3.69 -9.60 9.87
C LEU A 35 -3.78 -10.02 11.33
N GLN A 36 -2.97 -10.99 11.74
CA GLN A 36 -2.98 -11.38 13.14
C GLN A 36 -2.46 -10.25 14.04
N PRO A 37 -1.33 -9.60 13.69
CA PRO A 37 -1.00 -8.46 14.53
C PRO A 37 -2.05 -7.36 14.42
N PRO A 38 -2.46 -6.79 15.56
CA PRO A 38 -3.40 -5.67 15.51
C PRO A 38 -2.76 -4.42 14.91
N ASP A 39 -3.58 -3.54 14.36
CA ASP A 39 -3.15 -2.22 13.86
C ASP A 39 -2.22 -2.25 12.63
N ILE A 40 -2.09 -3.39 11.97
CA ILE A 40 -1.55 -3.42 10.60
C ILE A 40 -2.50 -4.23 9.73
N TYR A 41 -2.57 -3.84 8.46
CA TYR A 41 -3.55 -4.39 7.53
C TYR A 41 -2.86 -4.58 6.21
N SER A 42 -3.33 -5.52 5.41
CA SER A 42 -2.84 -5.62 4.06
C SER A 42 -3.99 -5.15 3.18
N ILE A 43 -3.70 -4.29 2.23
CA ILE A 43 -4.74 -3.85 1.32
C ILE A 43 -4.54 -4.55 -0.02
N VAL A 44 -5.56 -5.27 -0.48
CA VAL A 44 -5.45 -5.89 -1.79
C VAL A 44 -5.89 -4.80 -2.79
N ILE A 45 -4.94 -4.29 -3.56
CA ILE A 45 -5.15 -3.10 -4.38
C ILE A 45 -5.24 -3.45 -5.85
N GLU A 46 -6.31 -3.03 -6.50
CA GLU A 46 -6.54 -3.35 -7.90
C GLU A 46 -5.88 -2.33 -8.83
N GLY A 50 -2.73 -6.35 -12.31
CA GLY A 50 -3.59 -7.12 -11.43
C GLY A 50 -3.60 -6.63 -9.99
N ASN A 51 -4.07 -7.49 -9.09
CA ASN A 51 -4.15 -7.17 -7.67
C ASN A 51 -2.85 -7.43 -6.93
N ARG A 52 -2.30 -6.38 -6.32
CA ARG A 52 -1.13 -6.52 -5.46
C ARG A 52 -1.42 -5.99 -4.07
N GLN A 53 -0.62 -6.43 -3.12
CA GLN A 53 -0.83 -6.01 -1.73
C GLN A 53 0.26 -5.10 -1.20
N ARG A 54 -0.15 -4.25 -0.28
CA ARG A 54 0.74 -3.36 0.45
C ARG A 54 0.26 -3.34 1.88
N ILE A 55 1.18 -3.46 2.81
CA ILE A 55 0.81 -3.41 4.21
C ILE A 55 0.79 -1.97 4.71
N TYR A 56 -0.28 -1.61 5.40
CA TYR A 56 -0.47 -0.28 5.96
C TYR A 56 -0.65 -0.37 7.46
N SER A 57 -0.19 0.64 8.18
CA SER A 57 -0.57 0.78 9.58
C SER A 57 -1.99 1.28 9.66
N LEU A 58 -2.59 1.10 10.81
CA LEU A 58 -3.91 1.65 11.07
C LEU A 58 -3.95 3.16 10.82
N GLU A 59 -2.97 3.85 11.36
CA GLU A 59 -2.93 5.29 11.25
C GLU A 59 -2.84 5.75 9.79
N GLN A 60 -2.01 5.10 8.99
CA GLN A 60 -1.91 5.54 7.59
C GLN A 60 -3.22 5.27 6.85
N LEU A 61 -3.89 4.18 7.17
CA LEU A 61 -5.18 3.89 6.54
C LEU A 61 -6.24 4.94 6.91
N LEU A 62 -6.30 5.29 8.19
CA LEU A 62 -7.24 6.31 8.65
C LEU A 62 -7.00 7.64 7.93
N GLN A 63 -5.73 7.95 7.68
CA GLN A 63 -5.41 9.22 7.04
C GLN A 63 -5.59 9.20 5.52
N GLU A 64 -5.34 8.07 4.89
CA GLU A 64 -5.21 8.07 3.44
C GLU A 64 -6.36 7.40 2.67
N ALA A 65 -7.00 6.40 3.27
CA ALA A 65 -8.01 5.62 2.57
C ALA A 65 -9.40 6.20 2.78
N VAL A 66 -10.32 5.89 1.88
CA VAL A 66 -11.72 6.25 2.07
C VAL A 66 -12.58 5.03 1.73
N LEU A 67 -13.80 5.00 2.23
CA LEU A 67 -14.71 3.92 1.86
C LEU A 67 -15.02 4.02 0.36
N ASP A 68 -15.13 2.86 -0.28
CA ASP A 68 -15.57 2.71 -1.66
C ASP A 68 -17.11 2.72 -1.70
N VAL A 69 -17.69 3.84 -2.12
CA VAL A 69 -19.15 4.00 -2.09
C VAL A 69 -19.64 4.44 -3.46
N GLN A 70 -20.41 3.57 -4.08
CA GLN A 70 -20.99 3.83 -5.38
C GLN A 70 -22.42 4.33 -5.24
N PRO A 71 -22.71 5.54 -5.74
CA PRO A 71 -24.07 6.03 -5.61
C PRO A 71 -25.00 5.30 -6.55
N GLN A 72 -26.26 5.21 -6.16
CA GLN A 72 -27.32 4.51 -6.91
C GLN A 72 -27.87 5.36 -8.05
N SER A 73 -27.72 6.68 -7.94
CA SER A 73 -28.28 7.59 -8.93
C SER A 73 -27.61 8.95 -8.79
N SER A 74 -27.94 9.88 -9.67
CA SER A 74 -27.35 11.21 -9.61
C SER A 74 -28.11 12.15 -8.66
N ARG A 75 -29.15 11.63 -8.02
CA ARG A 75 -30.04 12.46 -7.19
C ARG A 75 -29.25 13.32 -6.18
N TYR A 76 -28.34 12.69 -5.45
CA TYR A 76 -27.51 13.42 -4.48
C TYR A 76 -26.09 13.70 -4.97
N LEU A 77 -25.91 13.82 -6.28
CA LEU A 77 -24.66 14.28 -6.87
C LEU A 77 -24.90 15.59 -7.60
N PRO A 78 -25.43 16.63 -6.91
CA PRO A 78 -25.64 17.89 -7.63
C PRO A 78 -24.30 18.58 -7.91
N PRO A 79 -24.29 19.65 -8.71
CA PRO A 79 -23.03 20.39 -8.91
C PRO A 79 -22.38 20.76 -7.58
N GLY A 80 -21.06 20.62 -7.55
CA GLY A 80 -20.28 20.94 -6.36
C GLY A 80 -19.85 19.70 -5.61
N THR A 81 -20.52 18.59 -5.87
CA THR A 81 -20.26 17.35 -5.11
C THR A 81 -18.88 16.81 -5.40
N ARG A 82 -18.13 16.50 -4.34
CA ARG A 82 -16.77 15.99 -4.54
C ARG A 82 -16.83 14.50 -4.88
N VAL A 83 -16.18 14.08 -5.96
CA VAL A 83 -16.22 12.67 -6.39
C VAL A 83 -14.84 12.21 -6.92
N CYS A 84 -14.72 10.91 -7.16
CA CYS A 84 -13.70 10.46 -8.08
C CYS A 84 -14.41 9.56 -9.08
N ALA A 85 -13.73 9.17 -10.14
CA ALA A 85 -14.42 8.45 -11.20
C ALA A 85 -13.47 7.63 -12.06
N TYR A 86 -13.93 6.47 -12.51
CA TYR A 86 -13.27 5.75 -13.59
C TYR A 86 -13.46 6.56 -14.85
N TRP A 87 -12.36 6.84 -15.56
CA TRP A 87 -12.35 7.66 -16.76
C TRP A 87 -12.51 6.82 -18.01
N SER A 88 -12.05 5.57 -17.90
CA SER A 88 -12.06 4.64 -19.01
C SER A 88 -12.21 3.21 -18.49
N GLN A 89 -12.74 2.34 -19.34
CA GLN A 89 -12.80 0.92 -19.02
C GLN A 89 -11.41 0.29 -19.04
N LYS A 90 -10.46 0.99 -19.64
CA LYS A 90 -9.11 0.45 -19.83
C LYS A 90 -8.17 0.75 -18.68
N SER A 91 -8.68 1.42 -17.64
CA SER A 91 -7.86 1.83 -16.51
C SER A 91 -8.57 1.62 -15.18
N ARG A 92 -7.84 1.13 -14.19
CA ARG A 92 -8.45 0.95 -12.88
C ARG A 92 -8.21 2.13 -11.95
N CYS A 93 -7.60 3.20 -12.45
CA CYS A 93 -7.43 4.38 -11.59
C CYS A 93 -8.70 5.22 -11.55
N LEU A 94 -8.93 5.84 -10.40
CA LEU A 94 -10.03 6.77 -10.25
C LEU A 94 -9.46 8.17 -10.12
N TYR A 95 -10.06 9.12 -10.82
CA TYR A 95 -9.60 10.50 -10.80
C TYR A 95 -10.51 11.38 -9.95
N PRO A 96 -9.94 12.13 -9.00
CA PRO A 96 -10.72 13.05 -8.18
C PRO A 96 -11.20 14.28 -8.97
N GLY A 97 -12.39 14.77 -8.62
CA GLY A 97 -12.91 16.01 -9.18
C GLY A 97 -14.21 16.44 -8.51
N ASN A 98 -14.94 17.33 -9.17
CA ASN A 98 -16.23 17.78 -8.67
C ASN A 98 -17.27 17.76 -9.76
N VAL A 99 -18.50 17.44 -9.38
CA VAL A 99 -19.60 17.52 -10.31
C VAL A 99 -19.82 18.99 -10.61
N VAL A 100 -20.12 19.29 -11.88
CA VAL A 100 -20.38 20.67 -12.28
C VAL A 100 -21.69 20.71 -13.05
N ARG A 101 -22.27 21.90 -13.17
CA ARG A 101 -23.56 22.08 -13.82
C ARG A 101 -23.36 22.09 -15.33
N GLY A 102 -24.20 21.36 -16.07
CA GLY A 102 -24.08 21.31 -17.51
C GLY A 102 -24.87 22.41 -18.20
N ALA A 103 -25.66 22.03 -19.20
CA ALA A 103 -26.50 22.98 -19.93
C ALA A 103 -27.66 22.27 -20.63
N ASP A 109 -30.29 14.21 -16.22
CA ASP A 109 -29.83 12.85 -16.44
C ASP A 109 -29.63 12.13 -15.10
N LEU A 110 -30.43 11.10 -14.87
CA LEU A 110 -30.39 10.37 -13.62
C LEU A 110 -29.20 9.40 -13.57
N ASP A 111 -28.65 9.09 -14.75
CA ASP A 111 -27.63 8.04 -14.88
C ASP A 111 -26.23 8.54 -15.21
N SER A 112 -26.06 9.82 -15.45
CA SER A 112 -24.72 10.38 -15.65
C SER A 112 -24.59 11.78 -15.05
N VAL A 113 -23.37 12.17 -14.71
CA VAL A 113 -23.09 13.52 -14.24
C VAL A 113 -21.88 14.08 -14.96
N LEU A 114 -21.81 15.40 -15.04
CA LEU A 114 -20.65 16.05 -15.63
C LEU A 114 -19.65 16.37 -14.54
N VAL A 115 -18.40 15.94 -14.73
CA VAL A 115 -17.37 16.12 -13.71
C VAL A 115 -16.22 16.93 -14.26
N GLU A 116 -15.77 17.90 -13.48
CA GLU A 116 -14.52 18.58 -13.75
C GLU A 116 -13.45 17.98 -12.85
N PHE A 117 -12.41 17.41 -13.47
CA PHE A 117 -11.42 16.68 -12.70
C PHE A 117 -10.30 17.61 -12.24
N ASP A 118 -9.67 17.29 -11.11
CA ASP A 118 -8.55 18.10 -10.61
C ASP A 118 -7.47 18.28 -11.67
N ASP A 119 -7.30 17.27 -12.54
CA ASP A 119 -6.20 17.32 -13.51
C ASP A 119 -6.53 18.16 -14.74
N GLY A 120 -7.73 18.73 -14.77
CA GLY A 120 -8.10 19.67 -15.81
C GLY A 120 -9.02 19.11 -16.88
N ASP A 121 -9.19 17.79 -16.86
CA ASP A 121 -10.13 17.16 -17.79
C ASP A 121 -11.56 17.37 -17.33
N THR A 122 -12.48 17.41 -18.29
CA THR A 122 -13.91 17.44 -17.98
C THR A 122 -14.57 16.37 -18.82
N GLY A 123 -15.51 15.64 -18.23
CA GLY A 123 -16.21 14.64 -19.01
C GLY A 123 -17.43 14.12 -18.28
N HIS A 124 -18.39 13.60 -19.05
CA HIS A 124 -19.57 12.98 -18.45
C HIS A 124 -19.19 11.61 -17.96
N ILE A 125 -19.69 11.27 -16.78
CA ILE A 125 -19.38 10.01 -16.14
C ILE A 125 -20.67 9.30 -15.78
N ALA A 126 -20.79 8.02 -16.15
CA ALA A 126 -21.93 7.21 -15.73
C ALA A 126 -21.92 7.13 -14.20
N VAL A 127 -23.10 7.22 -13.59
CA VAL A 127 -23.17 7.19 -12.13
C VAL A 127 -22.53 5.90 -11.57
N SER A 128 -22.61 4.79 -12.29
CA SER A 128 -22.01 3.54 -11.80
C SER A 128 -20.46 3.61 -11.76
N ASN A 129 -19.89 4.60 -12.45
CA ASN A 129 -18.43 4.80 -12.45
C ASN A 129 -18.00 5.91 -11.51
N ILE A 130 -18.95 6.44 -10.74
CA ILE A 130 -18.65 7.47 -9.72
C ILE A 130 -18.41 6.80 -8.40
N ARG A 131 -17.47 7.33 -7.62
CA ARG A 131 -17.37 6.97 -6.20
C ARG A 131 -17.38 8.25 -5.40
N LEU A 132 -18.02 8.21 -4.24
CA LEU A 132 -18.10 9.40 -3.40
C LEU A 132 -16.78 9.68 -2.73
N LEU A 133 -16.52 10.95 -2.42
CA LEU A 133 -15.35 11.33 -1.65
C LEU A 133 -15.76 12.26 -0.52
N PRO A 134 -14.95 12.32 0.55
CA PRO A 134 -15.14 13.38 1.56
C PRO A 134 -14.97 14.75 0.93
N PRO A 135 -15.84 15.72 1.26
CA PRO A 135 -15.84 17.07 0.70
C PRO A 135 -14.45 17.72 0.67
N ASP A 136 -13.69 17.53 1.75
CA ASP A 136 -12.38 18.15 1.85
C ASP A 136 -11.24 17.18 1.55
N PHE A 137 -11.49 16.23 0.65
CA PHE A 137 -10.46 15.26 0.31
C PHE A 137 -9.44 15.85 -0.66
N THR B 6 6.82 -13.99 13.67
CA THR B 6 6.23 -12.68 13.40
C THR B 6 5.10 -12.82 12.37
N ILE B 7 5.39 -13.52 11.28
CA ILE B 7 4.33 -13.92 10.38
C ILE B 7 3.57 -15.07 11.01
N HIS B 8 2.25 -14.92 11.09
CA HIS B 8 1.37 -15.97 11.59
C HIS B 8 0.86 -16.78 10.42
N LYS B 9 0.62 -18.07 10.63
CA LYS B 9 0.26 -18.95 9.53
C LYS B 9 -1.04 -18.51 8.87
N GLU B 10 -1.94 -17.94 9.69
CA GLU B 10 -3.23 -17.46 9.22
C GLU B 10 -3.08 -16.45 8.07
N ASP B 11 -2.00 -15.68 8.11
CA ASP B 11 -1.83 -14.54 7.22
C ASP B 11 -1.13 -14.90 5.91
N LEU B 12 -0.69 -16.16 5.81
CA LEU B 12 -0.05 -16.64 4.61
C LEU B 12 -1.07 -16.91 3.52
N GLN B 13 -1.54 -15.84 2.91
CA GLN B 13 -2.52 -15.92 1.85
C GLN B 13 -1.85 -15.43 0.58
N ASP B 14 -2.42 -15.73 -0.58
CA ASP B 14 -1.76 -15.35 -1.82
C ASP B 14 -1.59 -13.84 -1.93
N GLY B 15 -0.36 -13.42 -2.26
CA GLY B 15 -0.03 -12.03 -2.48
C GLY B 15 0.50 -11.30 -1.24
N LEU B 16 0.57 -11.97 -0.09
CA LEU B 16 1.14 -11.33 1.11
C LEU B 16 2.56 -10.84 0.85
N PRO B 17 2.81 -9.54 1.08
CA PRO B 17 4.15 -9.00 0.88
C PRO B 17 5.11 -9.40 2.01
N VAL B 18 6.21 -10.03 1.63
CA VAL B 18 7.20 -10.45 2.59
C VAL B 18 8.60 -10.05 2.18
N LEU B 19 9.51 -10.16 3.14
CA LEU B 19 10.93 -10.13 2.89
C LEU B 19 11.47 -11.52 3.20
N ILE B 20 12.37 -12.04 2.35
CA ILE B 20 12.98 -13.34 2.61
C ILE B 20 14.49 -13.25 2.44
N PRO B 21 15.23 -14.00 3.25
CA PRO B 21 16.68 -14.12 3.07
C PRO B 21 17.05 -14.99 1.86
N LYS B 22 18.16 -14.66 1.21
CA LYS B 22 18.74 -15.52 0.19
C LYS B 22 20.08 -16.07 0.69
N GLU B 23 20.82 -16.71 -0.21
CA GLU B 23 22.09 -17.33 0.13
C GLU B 23 23.20 -16.31 0.43
N ASP B 24 22.88 -15.02 0.30
CA ASP B 24 23.87 -13.98 0.52
C ASP B 24 23.70 -13.28 1.87
N SER B 25 22.80 -13.81 2.70
CA SER B 25 22.48 -13.26 4.02
C SER B 25 21.89 -11.85 3.93
N LEU B 26 21.27 -11.56 2.79
CA LEU B 26 20.56 -10.30 2.61
C LEU B 26 19.08 -10.59 2.38
N LEU B 27 18.26 -9.57 2.59
CA LEU B 27 16.82 -9.75 2.44
C LEU B 27 16.38 -9.33 1.04
N TYR B 28 15.32 -9.97 0.56
CA TYR B 28 14.68 -9.61 -0.71
C TYR B 28 13.17 -9.55 -0.57
N ALA B 29 12.56 -8.53 -1.19
CA ALA B 29 11.10 -8.38 -1.14
C ALA B 29 10.43 -9.29 -2.17
N GLY B 30 9.29 -9.86 -1.78
CA GLY B 30 8.59 -10.79 -2.65
C GLY B 30 7.18 -10.95 -2.15
N SER B 31 6.44 -11.88 -2.73
CA SER B 31 5.11 -12.13 -2.26
C SER B 31 4.85 -13.63 -2.20
N VAL B 32 4.02 -13.99 -1.22
CA VAL B 32 3.67 -15.38 -0.98
C VAL B 32 2.77 -15.86 -2.09
N ARG B 33 3.05 -17.05 -2.59
CA ARG B 33 2.13 -17.71 -3.47
C ARG B 33 1.72 -19.04 -2.86
N THR B 34 0.42 -19.19 -2.61
CA THR B 34 -0.11 -20.43 -2.09
C THR B 34 -0.21 -21.42 -3.24
N LEU B 35 0.00 -22.68 -2.90
CA LEU B 35 -0.11 -23.78 -3.85
C LEU B 35 -1.28 -24.67 -3.41
N GLN B 36 -1.74 -25.56 -4.29
CA GLN B 36 -2.87 -26.42 -3.94
C GLN B 36 -2.57 -27.39 -2.79
N PRO B 37 -1.40 -28.07 -2.79
CA PRO B 37 -1.21 -28.98 -1.66
C PRO B 37 -1.02 -28.24 -0.35
N PRO B 38 -1.48 -28.85 0.76
CA PRO B 38 -1.31 -28.20 2.06
C PRO B 38 0.17 -28.09 2.42
N ASP B 39 0.52 -27.05 3.16
CA ASP B 39 1.84 -26.90 3.78
C ASP B 39 2.92 -26.45 2.79
N ILE B 40 2.58 -26.20 1.54
CA ILE B 40 3.62 -25.66 0.66
C ILE B 40 3.26 -24.35 -0.02
N TYR B 41 4.29 -23.53 -0.15
CA TYR B 41 4.18 -22.16 -0.65
C TYR B 41 5.33 -21.89 -1.57
N SER B 42 5.17 -20.89 -2.42
CA SER B 42 6.29 -20.39 -3.19
C SER B 42 6.44 -18.91 -2.87
N ILE B 43 7.60 -18.34 -3.15
CA ILE B 43 7.76 -16.90 -3.04
C ILE B 43 8.12 -16.32 -4.40
N VAL B 44 7.39 -15.30 -4.80
CA VAL B 44 7.67 -14.61 -6.06
C VAL B 44 8.45 -13.35 -5.74
N ILE B 45 9.69 -13.26 -6.23
CA ILE B 45 10.56 -12.14 -5.87
C ILE B 45 10.44 -10.99 -6.89
N GLU B 46 10.29 -9.77 -6.37
CA GLU B 46 10.30 -8.58 -7.23
C GLU B 46 11.61 -8.55 -8.01
N GLY B 47 11.52 -8.77 -9.32
CA GLY B 47 12.70 -8.91 -10.17
C GLY B 47 13.11 -10.37 -10.33
N GLU B 48 14.05 -10.80 -9.49
CA GLU B 48 14.56 -12.17 -9.53
C GLU B 48 15.29 -12.52 -8.23
N ASN B 51 12.30 -15.47 -12.81
CA ASN B 51 13.29 -16.49 -12.52
C ASN B 51 12.71 -17.62 -11.67
N ARG B 52 13.49 -18.68 -11.48
CA ARG B 52 13.01 -19.86 -10.75
C ARG B 52 12.69 -19.55 -9.29
N GLN B 53 11.47 -19.90 -8.87
CA GLN B 53 11.06 -19.74 -7.49
C GLN B 53 11.56 -20.88 -6.63
N ARG B 54 11.38 -20.73 -5.32
CA ARG B 54 11.67 -21.80 -4.39
C ARG B 54 10.40 -22.18 -3.62
N ILE B 55 10.17 -23.48 -3.42
CA ILE B 55 9.00 -23.95 -2.68
C ILE B 55 9.35 -24.12 -1.21
N TYR B 56 8.50 -23.57 -0.34
CA TYR B 56 8.72 -23.58 1.11
C TYR B 56 7.63 -24.36 1.82
N SER B 57 8.02 -25.09 2.87
CA SER B 57 7.06 -25.60 3.82
C SER B 57 6.55 -24.43 4.64
N LEU B 58 5.41 -24.60 5.31
CA LEU B 58 4.91 -23.60 6.24
C LEU B 58 5.97 -23.26 7.29
N GLU B 59 6.61 -24.30 7.82
CA GLU B 59 7.60 -24.15 8.89
C GLU B 59 8.76 -23.27 8.45
N GLN B 60 9.32 -23.54 7.27
CA GLN B 60 10.44 -22.77 6.73
CA GLN B 60 10.46 -22.75 6.82
C GLN B 60 10.07 -21.31 6.54
N LEU B 61 8.87 -21.08 6.01
CA LEU B 61 8.43 -19.71 5.77
C LEU B 61 8.29 -18.93 7.06
N LEU B 62 7.74 -19.56 8.08
CA LEU B 62 7.50 -18.85 9.32
C LEU B 62 8.85 -18.55 9.97
N GLN B 63 9.81 -19.44 9.74
CA GLN B 63 11.10 -19.36 10.40
C GLN B 63 11.99 -18.31 9.69
N GLU B 64 11.78 -18.12 8.39
CA GLU B 64 12.70 -17.28 7.63
C GLU B 64 12.14 -15.92 7.16
N ALA B 65 10.85 -15.86 6.85
CA ALA B 65 10.28 -14.64 6.28
C ALA B 65 9.79 -13.66 7.33
N VAL B 66 9.67 -12.41 6.93
CA VAL B 66 9.04 -11.39 7.77
C VAL B 66 8.09 -10.60 6.87
N LEU B 67 7.14 -9.89 7.48
CA LEU B 67 6.27 -9.04 6.70
C LEU B 67 7.10 -7.90 6.06
N ASP B 68 6.65 -7.44 4.89
CA ASP B 68 7.25 -6.32 4.17
C ASP B 68 6.49 -5.06 4.59
N VAL B 69 7.10 -4.23 5.44
CA VAL B 69 6.42 -3.05 5.98
C VAL B 69 7.27 -1.80 5.87
N GLN B 70 6.76 -0.84 5.11
CA GLN B 70 7.41 0.44 4.88
C GLN B 70 6.86 1.46 5.90
N PRO B 71 7.73 2.10 6.68
CA PRO B 71 7.23 3.09 7.64
C PRO B 71 6.71 4.35 6.97
N GLN B 72 5.79 5.01 7.64
CA GLN B 72 5.13 6.20 7.11
C GLN B 72 6.08 7.40 7.00
N SER B 73 6.95 7.58 8.00
CA SER B 73 7.85 8.74 8.02
C SER B 73 8.93 8.50 9.06
N SER B 74 9.88 9.42 9.15
CA SER B 74 10.98 9.27 10.11
C SER B 74 10.47 9.36 11.54
N ARG B 75 9.28 9.91 11.73
CA ARG B 75 8.73 9.99 13.10
C ARG B 75 8.38 8.61 13.65
N TYR B 76 8.26 7.64 12.74
CA TYR B 76 7.95 6.24 13.08
C TYR B 76 9.23 5.41 13.18
N LEU B 77 10.37 6.11 13.20
CA LEU B 77 11.70 5.48 13.20
C LEU B 77 12.61 6.08 14.28
N PRO B 78 12.25 5.93 15.56
CA PRO B 78 13.13 6.42 16.62
C PRO B 78 14.48 5.69 16.61
N PRO B 79 15.53 6.31 17.15
CA PRO B 79 16.81 5.61 17.19
C PRO B 79 16.67 4.26 17.90
N GLY B 80 17.34 3.25 17.36
CA GLY B 80 17.27 1.92 17.94
C GLY B 80 16.34 1.01 17.15
N THR B 81 15.51 1.61 16.30
CA THR B 81 14.57 0.80 15.52
C THR B 81 15.31 -0.11 14.56
N ARG B 82 15.00 -1.40 14.64
CA ARG B 82 15.57 -2.37 13.72
C ARG B 82 14.95 -2.25 12.33
N VAL B 83 15.79 -2.15 11.30
CA VAL B 83 15.36 -1.94 9.94
C VAL B 83 16.24 -2.69 8.96
N CYS B 84 15.78 -2.80 7.72
CA CYS B 84 16.71 -3.04 6.62
C CYS B 84 16.45 -1.97 5.58
N ALA B 85 17.36 -1.84 4.62
CA ALA B 85 17.28 -0.77 3.64
C ALA B 85 17.85 -1.16 2.29
N TYR B 86 17.23 -0.67 1.24
CA TYR B 86 17.84 -0.66 -0.09
C TYR B 86 19.00 0.30 -0.04
N TRP B 87 20.06 -0.01 -0.78
CA TRP B 87 21.26 0.80 -0.77
C TRP B 87 21.54 1.29 -2.18
N SER B 88 22.06 0.40 -3.01
CA SER B 88 22.31 0.70 -4.41
C SER B 88 21.00 0.74 -5.21
N GLN B 89 20.86 1.77 -6.04
CA GLN B 89 19.68 1.90 -6.89
C GLN B 89 19.63 0.81 -7.96
N LYS B 90 20.76 0.12 -8.13
CA LYS B 90 20.87 -0.94 -9.12
C LYS B 90 20.46 -2.30 -8.53
N SER B 91 20.65 -2.46 -7.23
CA SER B 91 20.43 -3.74 -6.56
C SER B 91 19.08 -3.78 -5.80
N ARG B 92 18.58 -4.99 -5.55
CA ARG B 92 17.28 -5.11 -4.88
C ARG B 92 17.40 -5.84 -3.54
N CYS B 93 18.63 -6.03 -3.06
CA CYS B 93 18.85 -6.62 -1.76
C CYS B 93 18.59 -5.54 -0.70
N LEU B 94 18.17 -5.95 0.50
CA LEU B 94 18.02 -5.03 1.60
C LEU B 94 18.98 -5.40 2.71
N TYR B 95 19.65 -4.38 3.24
CA TYR B 95 20.68 -4.55 4.25
C TYR B 95 20.17 -4.18 5.64
N PRO B 96 20.32 -5.09 6.61
CA PRO B 96 19.89 -4.88 7.99
C PRO B 96 20.74 -3.85 8.75
N GLY B 97 20.09 -3.15 9.67
CA GLY B 97 20.76 -2.16 10.51
C GLY B 97 19.80 -1.63 11.56
N ASN B 98 20.20 -0.56 12.23
CA ASN B 98 19.34 0.09 13.21
C ASN B 98 19.36 1.58 12.97
N VAL B 99 18.20 2.21 13.12
CA VAL B 99 18.14 3.65 12.98
C VAL B 99 18.95 4.32 14.09
N VAL B 100 19.71 5.35 13.74
CA VAL B 100 20.43 6.13 14.74
C VAL B 100 20.21 7.61 14.51
N ARG B 101 20.51 8.40 15.53
CA ARG B 101 20.66 9.83 15.34
C ARG B 101 22.15 10.12 15.18
N GLY B 102 22.49 11.08 14.34
CA GLY B 102 23.88 11.45 14.13
C GLY B 102 24.04 12.94 14.26
N ALA B 103 25.20 13.45 13.89
CA ALA B 103 25.47 14.88 13.95
C ALA B 103 24.46 15.65 13.09
N SER B 104 24.15 15.08 11.93
CA SER B 104 23.23 15.68 10.97
C SER B 104 21.75 15.50 11.30
N SER B 105 21.44 14.82 12.41
CA SER B 105 20.05 14.64 12.84
C SER B 105 19.47 15.96 13.31
N ASP B 106 20.36 16.92 13.46
CA ASP B 106 20.04 18.33 13.59
C ASP B 106 18.93 18.73 12.62
N GLU B 108 13.74 17.54 11.50
CA GLU B 108 12.59 18.06 10.77
C GLU B 108 12.32 17.27 9.49
N ASP B 109 13.33 16.54 9.01
CA ASP B 109 13.18 15.78 7.78
C ASP B 109 12.28 14.58 8.01
N LEU B 110 11.02 14.69 7.55
CA LEU B 110 10.09 13.56 7.63
C LEU B 110 10.52 12.38 6.76
N ASP B 111 11.37 12.65 5.78
CA ASP B 111 11.50 11.74 4.65
C ASP B 111 12.81 10.95 4.58
N SER B 112 13.71 11.15 5.54
CA SER B 112 14.95 10.38 5.56
C SER B 112 15.42 10.11 6.98
N VAL B 113 16.29 9.12 7.14
CA VAL B 113 16.87 8.77 8.44
C VAL B 113 18.34 8.36 8.27
N LEU B 114 19.02 8.21 9.39
CA LEU B 114 20.36 7.64 9.40
C LEU B 114 20.28 6.20 9.86
N VAL B 115 20.96 5.30 9.16
CA VAL B 115 20.96 3.90 9.54
C VAL B 115 22.36 3.43 9.79
N GLU B 116 22.62 2.93 10.99
CA GLU B 116 23.88 2.28 11.27
C GLU B 116 23.73 0.83 10.86
N PHE B 117 24.36 0.46 9.74
CA PHE B 117 24.17 -0.88 9.20
C PHE B 117 24.96 -1.91 9.99
N ASP B 118 24.54 -3.16 9.91
CA ASP B 118 25.27 -4.23 10.56
C ASP B 118 26.68 -4.33 9.96
N ASP B 119 26.78 -4.13 8.64
CA ASP B 119 28.03 -4.31 7.92
C ASP B 119 28.56 -3.03 7.27
N ASP B 121 29.68 2.49 7.60
CA ASP B 121 28.81 1.68 8.42
C ASP B 121 27.48 2.42 8.69
N THR B 122 27.51 3.75 8.64
CA THR B 122 26.27 4.53 8.77
C THR B 122 25.93 5.23 7.45
N GLY B 123 24.70 5.06 7.00
CA GLY B 123 24.23 5.67 5.77
C GLY B 123 22.99 6.52 5.94
N HIS B 124 22.77 7.42 4.98
CA HIS B 124 21.62 8.31 4.98
C HIS B 124 20.57 7.75 4.02
N ILE B 125 19.44 7.31 4.55
CA ILE B 125 18.48 6.51 3.78
C ILE B 125 17.11 7.17 3.67
N ALA B 126 16.54 7.19 2.48
CA ALA B 126 15.16 7.67 2.30
C ALA B 126 14.21 6.74 3.02
N VAL B 127 13.16 7.29 3.63
CA VAL B 127 12.24 6.47 4.39
C VAL B 127 11.53 5.47 3.49
N SER B 128 11.22 5.88 2.25
CA SER B 128 10.61 4.97 1.30
C SER B 128 11.52 3.77 0.97
N ASN B 129 12.81 3.85 1.30
CA ASN B 129 13.72 2.72 1.09
C ASN B 129 14.01 1.92 2.35
N ILE B 130 13.27 2.21 3.42
CA ILE B 130 13.39 1.50 4.70
C ILE B 130 12.28 0.46 4.82
N ARG B 131 12.59 -0.70 5.39
CA ARG B 131 11.58 -1.68 5.77
C ARG B 131 11.84 -2.06 7.22
N LEU B 132 10.76 -2.23 7.99
CA LEU B 132 10.89 -2.58 9.41
C LEU B 132 11.29 -4.04 9.57
N LEU B 133 12.03 -4.34 10.64
CA LEU B 133 12.35 -5.72 11.01
C LEU B 133 11.88 -5.99 12.44
N PRO B 134 11.59 -7.25 12.76
CA PRO B 134 11.36 -7.55 14.18
C PRO B 134 12.59 -7.16 15.01
N PRO B 135 12.38 -6.69 16.24
CA PRO B 135 13.49 -6.14 17.04
C PRO B 135 14.66 -7.10 17.25
N ASP B 136 14.38 -8.39 17.37
CA ASP B 136 15.45 -9.34 17.68
C ASP B 136 15.91 -10.07 16.41
N PHE B 137 16.02 -9.33 15.31
CA PHE B 137 16.38 -9.94 14.03
C PHE B 137 17.89 -10.11 13.88
N HIS C 5 2.07 8.90 -15.89
CA HIS C 5 0.74 8.27 -16.02
C HIS C 5 -0.09 8.99 -17.08
N ARG C 6 -0.06 8.36 -18.25
CA ARG C 6 -0.79 8.79 -19.41
C ARG C 6 -2.24 8.43 -19.17
N VAL C 8 -6.27 8.12 -20.91
CA VAL C 8 -7.05 7.93 -22.14
C VAL C 8 -7.63 9.26 -22.64
N LEU C 9 -7.57 9.46 -23.95
CA LEU C 9 -8.00 10.73 -24.56
C LEU C 9 -9.47 10.76 -24.97
N ARG C 10 -10.15 11.86 -24.64
CA ARG C 10 -11.51 12.10 -25.12
C ARG C 10 -11.55 13.37 -25.97
#